data_4F2A
#
_entry.id   4F2A
#
_cell.length_a   68.772
_cell.length_b   69.915
_cell.length_c   187.145
_cell.angle_alpha   90.00
_cell.angle_beta   90.00
_cell.angle_gamma   90.00
#
_symmetry.space_group_name_H-M   'P 21 21 21'
#
loop_
_entity.id
_entity.type
_entity.pdbx_description
1 polymer 'Cholesteryl ester transfer protein'
2 branched alpha-D-mannopyranose-(1-4)-2-acetamido-2-deoxy-beta-D-glucopyranose-(1-4)-[alpha-L-fucopyranose-(1-6)]2-acetamido-2-deoxy-beta-D-glucopyranose
3 non-polymer 'CHOLESTERYL OLEATE'
4 non-polymer 1,2-DIOLEOYL-SN-GLYCERO-3-PHOSPHOCHOLINE
5 non-polymer 'TRIETHYLENE GLYCOL'
6 non-polymer 'CHLORIDE ION'
7 non-polymer (2R)-3-{[4-(4-chloro-3-ethylphenoxy)pyrimidin-2-yl][3-(1,1,2,2-tetrafluoroethoxy)benzyl]amino}-1,1,1-trifluoropropan-2-ol
#
_entity_poly.entity_id   1
_entity_poly.type   'polypeptide(L)'
_entity_poly.pdbx_seq_one_letter_code
;ASKGTSHEAGIVCRITKPALLVLNHETAKVIQTAFQRASYPDITGEKAMMLLGQVKYGLHNIQISHLSIASSQVELVEAK
SIDVSIQDVSVVFKGTLKYGYTTAWWLGIDQSIDFEIDSAIDLQINTQLTADSGRVRTDAPDCYLSFHKLLLHLQGEREP
GWIKQLFTNFISFTLKLVLKGQICKEINVISNIMADFVQTRAASILSDGDIGVDISLTGDPVITASYLESHHKGHFIYKD
VSEDLPLPTFSPTLLGDSRMLYFWFSERVFHSLAKVAFQDGRLMLSLMGDEFKAVLETWGFNTNQEIFQEVVGGFPSQAQ
VTVHCLKMPKISCQNKGVVVDSSVMVKFLFPRPDQQHSVAYTFEEDIVTTVQASYSKKKLFLSLLDFQITPKTVSNLTES
SSESIQSFLQSMITAVGIPEVMSRLEVVFTALMNSKGVSLFDIINPEIITRDGFLLLQMDFGFPEHLLVDFLQSLS
;
_entity_poly.pdbx_strand_id   A
#
# COMPACT_ATOMS: atom_id res chain seq x y z
N THR A 5 -10.87 -9.05 -23.07
CA THR A 5 -11.22 -7.70 -22.62
C THR A 5 -9.96 -6.86 -22.41
N SER A 6 -10.04 -5.56 -22.74
CA SER A 6 -8.97 -4.57 -22.55
C SER A 6 -9.44 -3.51 -21.57
N HIS A 7 -8.49 -2.80 -20.93
CA HIS A 7 -8.82 -1.72 -20.00
C HIS A 7 -7.94 -0.49 -20.29
N GLU A 8 -8.46 0.71 -19.99
CA GLU A 8 -7.74 1.98 -20.15
C GLU A 8 -7.21 2.30 -18.74
N ALA A 9 -5.89 2.16 -18.52
CA ALA A 9 -5.25 2.40 -17.22
C ALA A 9 -3.77 2.63 -17.37
N GLY A 10 -3.23 3.46 -16.50
CA GLY A 10 -1.80 3.72 -16.42
C GLY A 10 -1.12 2.69 -15.52
N ILE A 11 -1.76 2.38 -14.38
CA ILE A 11 -1.29 1.38 -13.41
C ILE A 11 -2.43 0.38 -13.16
N VAL A 12 -2.11 -0.94 -13.13
CA VAL A 12 -3.05 -2.03 -12.85
C VAL A 12 -2.51 -2.89 -11.68
N CYS A 13 -3.34 -3.20 -10.66
CA CYS A 13 -2.95 -4.08 -9.53
C CYS A 13 -3.69 -5.38 -9.57
N ARG A 14 -2.95 -6.50 -9.48
CA ARG A 14 -3.55 -7.84 -9.46
C ARG A 14 -3.17 -8.57 -8.18
N ILE A 15 -4.20 -8.89 -7.42
CA ILE A 15 -4.08 -9.60 -6.18
C ILE A 15 -4.78 -10.96 -6.43
N THR A 16 -3.99 -12.02 -6.42
CA THR A 16 -4.47 -13.37 -6.73
C THR A 16 -4.94 -14.12 -5.51
N LYS A 17 -5.73 -15.22 -5.74
CA LYS A 17 -6.23 -16.17 -4.73
C LYS A 17 -5.09 -16.59 -3.77
N PRO A 18 -3.85 -17.02 -4.24
CA PRO A 18 -2.74 -17.32 -3.30
C PRO A 18 -2.50 -16.26 -2.22
N ALA A 19 -2.62 -14.95 -2.56
CA ALA A 19 -2.45 -13.84 -1.60
C ALA A 19 -3.61 -13.77 -0.65
N LEU A 20 -4.84 -13.90 -1.16
CA LEU A 20 -6.04 -13.90 -0.31
C LEU A 20 -5.99 -15.00 0.75
N LEU A 21 -5.39 -16.15 0.44
CA LEU A 21 -5.25 -17.24 1.39
C LEU A 21 -4.39 -16.83 2.58
N VAL A 22 -3.34 -16.03 2.30
CA VAL A 22 -2.43 -15.52 3.35
C VAL A 22 -3.13 -14.48 4.19
N LEU A 23 -3.96 -13.67 3.53
CA LEU A 23 -4.74 -12.63 4.20
C LEU A 23 -5.86 -13.20 5.10
N ASN A 24 -6.41 -14.38 4.73
CA ASN A 24 -7.45 -15.12 5.46
C ASN A 24 -6.95 -15.64 6.82
N HIS A 25 -5.63 -15.77 7.00
CA HIS A 25 -5.06 -16.19 8.27
C HIS A 25 -5.38 -15.12 9.31
N GLU A 26 -5.61 -13.86 8.88
CA GLU A 26 -5.92 -12.74 9.78
C GLU A 26 -7.41 -12.38 9.94
N THR A 27 -8.26 -13.05 9.15
CA THR A 27 -9.71 -12.89 9.09
C THR A 27 -10.36 -12.95 10.47
N ALA A 28 -9.97 -13.93 11.29
CA ALA A 28 -10.51 -14.10 12.64
C ALA A 28 -10.42 -12.79 13.42
N LYS A 29 -9.18 -12.20 13.52
CA LYS A 29 -8.85 -10.94 14.21
C LYS A 29 -9.74 -9.75 13.77
N VAL A 30 -10.06 -9.70 12.46
CA VAL A 30 -10.91 -8.67 11.86
C VAL A 30 -12.38 -8.90 12.22
N ILE A 31 -12.86 -10.14 12.15
CA ILE A 31 -14.23 -10.47 12.51
C ILE A 31 -14.44 -10.12 14.00
N GLN A 32 -13.39 -10.30 14.82
CA GLN A 32 -13.38 -9.96 16.25
C GLN A 32 -13.74 -8.47 16.42
N THR A 33 -12.99 -7.61 15.74
CA THR A 33 -13.09 -6.16 15.70
C THR A 33 -14.51 -5.67 15.42
N ALA A 34 -15.22 -6.33 14.49
CA ALA A 34 -16.60 -6.01 14.09
C ALA A 34 -17.54 -6.28 15.24
N PHE A 35 -17.29 -7.37 15.97
CA PHE A 35 -18.11 -7.74 17.11
C PHE A 35 -17.90 -6.77 18.25
N GLN A 36 -16.66 -6.32 18.44
CA GLN A 36 -16.34 -5.37 19.50
C GLN A 36 -16.92 -3.98 19.15
N ARG A 37 -17.08 -3.70 17.87
CA ARG A 37 -17.60 -2.42 17.41
C ARG A 37 -19.11 -2.33 17.42
N ALA A 38 -19.80 -3.47 17.50
CA ALA A 38 -21.25 -3.44 17.45
C ALA A 38 -21.93 -2.94 18.73
N SER A 39 -23.08 -2.27 18.53
CA SER A 39 -23.93 -1.68 19.57
C SER A 39 -25.21 -2.52 19.87
N TYR A 40 -25.12 -3.34 20.93
CA TYR A 40 -26.17 -4.25 21.39
C TYR A 40 -27.13 -3.51 22.31
N PRO A 41 -28.33 -3.15 21.79
CA PRO A 41 -29.27 -2.37 22.60
C PRO A 41 -30.02 -3.17 23.65
N ASP A 42 -30.49 -2.52 24.74
CA ASP A 42 -31.27 -3.20 25.78
C ASP A 42 -32.59 -3.72 25.20
N ILE A 43 -32.94 -5.00 25.54
CA ILE A 43 -34.13 -5.77 25.12
C ILE A 43 -35.13 -5.67 26.26
N THR A 44 -36.22 -4.92 26.09
CA THR A 44 -37.16 -4.76 27.19
C THR A 44 -38.62 -4.91 26.79
N GLY A 45 -39.45 -5.31 27.75
CA GLY A 45 -40.89 -5.48 27.60
C GLY A 45 -41.67 -5.64 28.89
N GLU A 46 -42.96 -5.95 28.77
CA GLU A 46 -43.88 -6.22 29.89
C GLU A 46 -45.04 -7.16 29.47
N LYS A 47 -44.70 -8.44 29.25
CA LYS A 47 -45.63 -9.49 28.81
C LYS A 47 -46.40 -10.07 29.98
N ALA A 48 -47.56 -10.69 29.69
CA ALA A 48 -48.40 -11.40 30.66
C ALA A 48 -47.95 -12.86 30.63
N MET A 49 -47.47 -13.36 31.77
CA MET A 49 -46.97 -14.74 31.90
C MET A 49 -48.01 -15.63 32.55
N MET A 50 -47.98 -16.94 32.18
CA MET A 50 -48.86 -17.97 32.71
C MET A 50 -48.77 -17.85 34.21
N LEU A 51 -49.92 -17.69 34.89
CA LEU A 51 -50.06 -17.64 36.35
C LEU A 51 -49.47 -16.41 37.08
N LEU A 52 -48.29 -15.89 36.67
CA LEU A 52 -47.63 -14.72 37.29
C LEU A 52 -48.23 -13.38 36.88
N GLY A 53 -48.98 -13.39 35.77
CA GLY A 53 -49.59 -12.19 35.20
C GLY A 53 -48.55 -11.24 34.60
N GLN A 54 -48.72 -9.91 34.81
CA GLN A 54 -47.80 -8.91 34.27
C GLN A 54 -46.41 -8.96 34.90
N VAL A 55 -45.36 -9.07 34.04
CA VAL A 55 -43.93 -9.12 34.38
C VAL A 55 -43.16 -8.11 33.50
N LYS A 56 -42.55 -7.08 34.14
CA LYS A 56 -41.81 -5.99 33.51
C LYS A 56 -40.32 -6.33 33.27
N TYR A 57 -40.02 -7.15 32.25
CA TYR A 57 -38.64 -7.57 31.94
C TYR A 57 -37.74 -6.55 31.24
N GLY A 58 -36.45 -6.85 31.27
CA GLY A 58 -35.40 -6.05 30.66
C GLY A 58 -34.04 -6.71 30.74
N LEU A 59 -33.47 -7.01 29.56
CA LEU A 59 -32.13 -7.58 29.42
C LEU A 59 -31.24 -6.39 29.17
N HIS A 60 -30.55 -5.94 30.22
CA HIS A 60 -29.72 -4.73 30.19
C HIS A 60 -28.24 -4.94 30.03
N ASN A 61 -27.55 -3.94 29.41
CA ASN A 61 -26.11 -3.82 29.23
C ASN A 61 -25.44 -5.04 28.55
N ILE A 62 -25.87 -5.33 27.31
CA ILE A 62 -25.34 -6.46 26.52
C ILE A 62 -23.92 -6.18 26.02
N GLN A 63 -22.96 -6.93 26.55
CA GLN A 63 -21.53 -6.82 26.28
C GLN A 63 -20.97 -8.17 25.91
N ILE A 64 -19.93 -8.18 25.03
CA ILE A 64 -19.25 -9.43 24.68
C ILE A 64 -18.26 -9.77 25.81
N SER A 65 -18.29 -11.03 26.28
CA SER A 65 -17.42 -11.52 27.33
C SER A 65 -16.39 -12.50 26.79
N HIS A 66 -16.61 -13.02 25.55
CA HIS A 66 -15.72 -13.98 24.89
C HIS A 66 -16.01 -14.13 23.41
N LEU A 67 -14.95 -14.32 22.58
CA LEU A 67 -15.06 -14.55 21.13
C LEU A 67 -14.00 -15.51 20.61
N SER A 68 -14.39 -16.42 19.68
CA SER A 68 -13.48 -17.42 19.12
C SER A 68 -13.94 -18.06 17.81
N ILE A 69 -13.43 -17.54 16.70
CA ILE A 69 -13.66 -18.04 15.35
C ILE A 69 -12.95 -19.37 15.22
N ALA A 70 -13.65 -20.40 14.71
CA ALA A 70 -13.04 -21.71 14.52
C ALA A 70 -12.19 -21.70 13.24
N SER A 71 -12.85 -21.62 12.07
CA SER A 71 -12.22 -21.62 10.76
C SER A 71 -12.85 -20.61 9.82
N SER A 72 -12.02 -19.86 9.09
CA SER A 72 -12.47 -18.89 8.10
C SER A 72 -12.02 -19.36 6.72
N GLN A 73 -12.68 -18.91 5.65
CA GLN A 73 -12.31 -19.25 4.28
C GLN A 73 -12.79 -18.25 3.23
N VAL A 74 -11.88 -17.90 2.30
CA VAL A 74 -12.13 -16.96 1.20
C VAL A 74 -12.35 -17.73 -0.11
N GLU A 75 -13.11 -17.14 -1.02
CA GLU A 75 -13.41 -17.76 -2.30
C GLU A 75 -13.82 -16.68 -3.30
N LEU A 76 -12.98 -16.46 -4.32
CA LEU A 76 -13.28 -15.51 -5.38
C LEU A 76 -14.40 -16.07 -6.25
N VAL A 77 -15.46 -15.28 -6.41
CA VAL A 77 -16.62 -15.68 -7.17
C VAL A 77 -16.66 -14.84 -8.43
N GLU A 78 -16.38 -15.51 -9.58
CA GLU A 78 -16.31 -14.98 -10.96
C GLU A 78 -17.35 -13.92 -11.28
N ALA A 79 -16.86 -12.70 -11.64
CA ALA A 79 -17.62 -11.50 -11.98
C ALA A 79 -18.64 -11.14 -10.91
N LYS A 80 -18.26 -11.24 -9.63
CA LYS A 80 -19.19 -10.96 -8.56
C LYS A 80 -18.58 -10.40 -7.28
N SER A 81 -18.11 -11.29 -6.41
CA SER A 81 -17.65 -10.86 -5.10
C SER A 81 -16.51 -11.68 -4.50
N ILE A 82 -16.32 -11.49 -3.18
CA ILE A 82 -15.42 -12.25 -2.33
C ILE A 82 -16.26 -12.84 -1.21
N ASP A 83 -16.47 -14.14 -1.32
CA ASP A 83 -17.26 -14.94 -0.42
C ASP A 83 -16.43 -15.50 0.74
N VAL A 84 -16.40 -14.71 1.82
CA VAL A 84 -15.72 -14.97 3.08
C VAL A 84 -16.67 -15.79 3.95
N SER A 85 -16.27 -17.03 4.30
CA SER A 85 -17.10 -17.95 5.07
C SER A 85 -16.50 -18.32 6.41
N ILE A 86 -17.07 -17.80 7.50
CA ILE A 86 -16.59 -18.11 8.87
C ILE A 86 -17.46 -19.19 9.51
N GLN A 87 -16.81 -20.17 10.19
CA GLN A 87 -17.45 -21.33 10.82
C GLN A 87 -17.25 -21.35 12.31
N ASP A 88 -18.27 -21.85 13.06
CA ASP A 88 -18.32 -22.03 14.51
C ASP A 88 -17.70 -20.90 15.35
N VAL A 89 -18.11 -19.64 15.09
CA VAL A 89 -17.63 -18.51 15.87
C VAL A 89 -18.34 -18.49 17.22
N SER A 90 -17.64 -18.96 18.28
CA SER A 90 -18.19 -19.03 19.63
C SER A 90 -18.15 -17.67 20.30
N VAL A 91 -19.34 -17.06 20.46
CA VAL A 91 -19.55 -15.75 21.11
C VAL A 91 -20.32 -15.94 22.42
N VAL A 92 -19.81 -15.33 23.51
CA VAL A 92 -20.43 -15.39 24.82
C VAL A 92 -20.71 -13.95 25.24
N PHE A 93 -21.95 -13.68 25.61
CA PHE A 93 -22.38 -12.36 25.99
C PHE A 93 -22.64 -12.28 27.47
N LYS A 94 -22.48 -11.09 28.05
CA LYS A 94 -22.75 -10.86 29.47
C LYS A 94 -23.85 -9.80 29.64
N GLY A 95 -24.51 -9.82 30.78
CA GLY A 95 -25.57 -8.87 31.05
C GLY A 95 -26.24 -8.99 32.40
N THR A 96 -27.20 -8.10 32.62
CA THR A 96 -27.99 -8.04 33.84
C THR A 96 -29.45 -8.08 33.39
N LEU A 97 -30.24 -9.00 33.97
CA LEU A 97 -31.68 -9.12 33.68
C LEU A 97 -32.41 -8.42 34.79
N LYS A 98 -33.37 -7.56 34.43
CA LYS A 98 -34.16 -6.85 35.43
C LYS A 98 -35.64 -7.07 35.16
N TYR A 99 -36.37 -7.52 36.18
CA TYR A 99 -37.81 -7.77 36.06
C TYR A 99 -38.57 -7.43 37.35
N GLY A 100 -39.87 -7.18 37.20
CA GLY A 100 -40.71 -6.89 38.34
C GLY A 100 -42.08 -7.52 38.22
N TYR A 101 -42.57 -8.18 39.32
CA TYR A 101 -43.92 -8.79 39.33
C TYR A 101 -44.92 -7.68 39.61
N THR A 102 -45.60 -7.25 38.52
CA THR A 102 -46.55 -6.14 38.46
C THR A 102 -47.91 -6.49 39.06
N THR A 103 -48.60 -7.48 38.46
CA THR A 103 -49.94 -7.93 38.88
C THR A 103 -49.89 -8.77 40.17
N ALA A 104 -48.77 -9.48 40.39
CA ALA A 104 -48.54 -10.30 41.58
C ALA A 104 -47.64 -9.54 42.56
N TRP A 105 -48.18 -8.43 43.08
CA TRP A 105 -47.50 -7.51 43.99
C TRP A 105 -47.06 -8.13 45.31
N TRP A 106 -47.79 -9.17 45.74
CA TRP A 106 -47.55 -9.96 46.94
C TRP A 106 -46.31 -10.84 46.79
N LEU A 107 -45.82 -11.02 45.54
CA LEU A 107 -44.62 -11.82 45.22
C LEU A 107 -43.28 -11.08 45.49
N GLY A 108 -43.34 -9.97 46.24
CA GLY A 108 -42.19 -9.20 46.68
C GLY A 108 -41.35 -8.46 45.63
N ILE A 109 -40.34 -7.71 46.13
CA ILE A 109 -39.39 -6.85 45.39
C ILE A 109 -39.01 -7.34 44.00
N ASP A 110 -38.65 -6.36 43.14
CA ASP A 110 -38.17 -6.58 41.77
C ASP A 110 -36.77 -7.17 41.88
N GLN A 111 -36.35 -7.93 40.83
CA GLN A 111 -35.07 -8.64 40.82
C GLN A 111 -34.09 -8.20 39.73
N SER A 112 -32.78 -8.35 40.02
CA SER A 112 -31.69 -8.09 39.08
C SER A 112 -30.74 -9.31 39.13
N ILE A 113 -30.78 -10.14 38.08
CA ILE A 113 -29.95 -11.34 37.96
C ILE A 113 -29.01 -11.14 36.82
N ASP A 114 -27.70 -11.39 37.05
CA ASP A 114 -26.71 -11.32 35.97
C ASP A 114 -26.85 -12.56 35.08
N PHE A 115 -26.84 -12.38 33.75
CA PHE A 115 -26.96 -13.49 32.80
C PHE A 115 -25.76 -13.56 31.80
N GLU A 116 -25.60 -14.75 31.18
CA GLU A 116 -24.65 -15.05 30.12
C GLU A 116 -25.47 -15.67 28.99
N ILE A 117 -25.35 -15.12 27.78
CA ILE A 117 -25.97 -15.70 26.58
C ILE A 117 -24.83 -16.38 25.83
N ASP A 118 -24.92 -17.72 25.70
CA ASP A 118 -23.90 -18.51 25.03
C ASP A 118 -24.32 -18.93 23.61
N SER A 119 -23.77 -18.24 22.61
CA SER A 119 -24.05 -18.51 21.19
C SER A 119 -22.86 -19.14 20.41
N ALA A 120 -23.17 -19.65 19.19
CA ALA A 120 -22.25 -20.25 18.22
C ALA A 120 -22.86 -19.92 16.88
N ILE A 121 -22.16 -19.11 16.09
CA ILE A 121 -22.66 -18.63 14.79
C ILE A 121 -21.78 -19.08 13.61
N ASP A 122 -22.40 -19.11 12.41
CA ASP A 122 -21.80 -19.40 11.11
C ASP A 122 -22.09 -18.18 10.23
N LEU A 123 -21.04 -17.65 9.54
CA LEU A 123 -21.12 -16.41 8.74
C LEU A 123 -20.70 -16.45 7.28
N GLN A 124 -21.51 -15.79 6.46
CA GLN A 124 -21.23 -15.65 5.05
C GLN A 124 -21.35 -14.18 4.68
N ILE A 125 -20.22 -13.60 4.24
CA ILE A 125 -20.18 -12.20 3.86
C ILE A 125 -19.71 -12.15 2.43
N ASN A 126 -20.63 -11.78 1.50
CA ASN A 126 -20.33 -11.67 0.07
C ASN A 126 -20.12 -10.18 -0.28
N THR A 127 -18.82 -9.80 -0.28
CA THR A 127 -18.28 -8.45 -0.45
C THR A 127 -18.07 -8.08 -1.91
N GLN A 128 -18.92 -7.17 -2.45
CA GLN A 128 -18.82 -6.73 -3.86
C GLN A 128 -18.04 -5.43 -3.96
N LEU A 129 -17.03 -5.41 -4.84
CA LEU A 129 -16.19 -4.23 -5.03
C LEU A 129 -16.64 -3.37 -6.20
N THR A 130 -16.71 -2.06 -5.92
CA THR A 130 -17.10 -1.01 -6.86
C THR A 130 -16.16 0.21 -6.78
N ALA A 131 -16.18 1.06 -7.81
CA ALA A 131 -15.36 2.26 -7.88
C ALA A 131 -16.24 3.45 -7.59
N ASP A 132 -16.17 3.95 -6.34
CA ASP A 132 -16.92 5.11 -5.87
C ASP A 132 -16.15 6.40 -6.12
N SER A 133 -16.30 6.92 -7.36
CA SER A 133 -15.64 8.11 -7.88
C SER A 133 -14.14 8.04 -7.64
N GLY A 134 -13.51 7.14 -8.39
CA GLY A 134 -12.07 6.88 -8.31
C GLY A 134 -11.62 6.07 -7.12
N ARG A 135 -12.40 6.04 -6.03
CA ARG A 135 -12.06 5.30 -4.80
C ARG A 135 -12.70 3.89 -4.78
N VAL A 136 -12.00 2.91 -4.16
CA VAL A 136 -12.53 1.55 -4.09
C VAL A 136 -13.45 1.33 -2.88
N ARG A 137 -14.73 0.96 -3.17
CA ARG A 137 -15.81 0.79 -2.19
C ARG A 137 -16.19 -0.66 -1.92
N THR A 138 -16.54 -0.96 -0.66
CA THR A 138 -16.95 -2.32 -0.25
C THR A 138 -18.47 -2.36 -0.03
N ASP A 139 -19.13 -3.46 -0.43
CA ASP A 139 -20.57 -3.62 -0.24
C ASP A 139 -20.96 -5.05 0.02
N ALA A 140 -21.57 -5.30 1.16
CA ALA A 140 -22.01 -6.65 1.50
C ALA A 140 -23.49 -6.67 1.96
N PRO A 141 -24.40 -6.56 0.96
CA PRO A 141 -25.85 -6.60 1.28
C PRO A 141 -26.23 -8.04 1.65
N ASP A 142 -25.47 -8.97 1.03
CA ASP A 142 -25.52 -10.41 1.21
C ASP A 142 -24.59 -10.70 2.38
N CYS A 143 -25.22 -10.78 3.54
CA CYS A 143 -24.53 -11.07 4.78
C CYS A 143 -25.49 -11.95 5.54
N TYR A 144 -25.03 -13.17 5.87
CA TYR A 144 -25.79 -14.27 6.45
C TYR A 144 -25.20 -14.74 7.77
N LEU A 145 -26.11 -15.22 8.66
CA LEU A 145 -25.82 -15.76 9.99
C LEU A 145 -26.62 -17.03 10.25
N SER A 146 -25.96 -18.02 10.83
CA SER A 146 -26.55 -19.31 11.19
C SER A 146 -26.22 -19.61 12.65
N PHE A 147 -27.25 -19.59 13.51
CA PHE A 147 -27.08 -19.82 14.92
C PHE A 147 -27.27 -21.30 15.26
N HIS A 148 -26.23 -21.94 15.87
CA HIS A 148 -26.29 -23.36 16.31
C HIS A 148 -26.88 -23.38 17.71
N LYS A 149 -26.32 -22.54 18.60
CA LYS A 149 -26.84 -22.33 19.94
C LYS A 149 -26.99 -20.83 20.19
N LEU A 150 -27.79 -20.51 21.21
CA LEU A 150 -28.10 -19.19 21.74
C LEU A 150 -28.83 -19.52 23.04
N LEU A 151 -28.05 -19.95 24.04
CA LEU A 151 -28.53 -20.36 25.37
C LEU A 151 -28.37 -19.23 26.34
N LEU A 152 -29.37 -18.99 27.20
CA LEU A 152 -29.26 -17.98 28.23
C LEU A 152 -29.08 -18.71 29.53
N HIS A 153 -27.97 -18.41 30.22
CA HIS A 153 -27.66 -18.99 31.52
C HIS A 153 -27.73 -17.86 32.53
N LEU A 154 -28.48 -18.05 33.62
CA LEU A 154 -28.62 -17.04 34.66
C LEU A 154 -27.85 -17.44 35.89
N GLN A 155 -27.41 -16.44 36.66
CA GLN A 155 -26.65 -16.68 37.88
C GLN A 155 -27.43 -17.55 38.77
N GLY A 156 -26.74 -18.57 39.26
CA GLY A 156 -27.28 -19.53 40.21
C GLY A 156 -28.25 -20.54 39.65
N GLU A 157 -28.42 -20.53 38.31
CA GLU A 157 -29.35 -21.39 37.62
C GLU A 157 -30.77 -21.17 38.22
N ARG A 158 -31.12 -19.90 38.44
CA ARG A 158 -32.41 -19.52 38.96
C ARG A 158 -33.44 -19.65 37.85
N GLU A 159 -34.69 -19.99 38.24
CA GLU A 159 -35.84 -20.11 37.35
C GLU A 159 -37.14 -20.09 38.12
N PRO A 160 -37.95 -19.02 38.00
CA PRO A 160 -39.26 -19.03 38.67
C PRO A 160 -40.24 -19.87 37.87
N GLY A 161 -40.03 -19.93 36.54
CA GLY A 161 -40.83 -20.69 35.60
C GLY A 161 -41.27 -19.91 34.37
N TRP A 162 -40.70 -18.73 34.14
CA TRP A 162 -41.09 -17.93 32.98
C TRP A 162 -39.91 -17.45 32.11
N ILE A 163 -38.70 -17.30 32.72
CA ILE A 163 -37.50 -16.78 32.05
C ILE A 163 -37.16 -17.53 30.76
N LYS A 164 -36.82 -18.84 30.86
CA LYS A 164 -36.43 -19.72 29.75
C LYS A 164 -37.42 -19.67 28.58
N GLN A 165 -38.73 -19.75 28.89
CA GLN A 165 -39.78 -19.67 27.87
C GLN A 165 -39.81 -18.28 27.27
N LEU A 166 -39.85 -17.22 28.09
CA LEU A 166 -39.80 -15.84 27.58
C LEU A 166 -38.56 -15.63 26.72
N PHE A 167 -37.46 -16.34 27.02
CA PHE A 167 -36.29 -16.19 26.18
C PHE A 167 -36.48 -16.88 24.83
N THR A 168 -36.73 -18.21 24.86
CA THR A 168 -36.93 -19.08 23.69
C THR A 168 -38.04 -18.59 22.72
N ASN A 169 -39.21 -18.24 23.27
CA ASN A 169 -40.40 -17.84 22.54
C ASN A 169 -40.55 -16.33 22.31
N PHE A 170 -39.51 -15.55 22.57
CA PHE A 170 -39.62 -14.12 22.34
C PHE A 170 -38.26 -13.48 22.05
N ILE A 171 -37.42 -13.34 23.11
CA ILE A 171 -36.08 -12.73 23.10
C ILE A 171 -35.10 -13.42 22.13
N SER A 172 -35.16 -14.77 21.99
CA SER A 172 -34.30 -15.58 21.13
C SER A 172 -34.21 -14.96 19.71
N PHE A 173 -35.38 -14.92 19.01
CA PHE A 173 -35.52 -14.42 17.65
C PHE A 173 -35.05 -13.01 17.46
N THR A 174 -35.73 -12.06 18.10
CA THR A 174 -35.41 -10.63 18.07
C THR A 174 -33.88 -10.38 18.25
N LEU A 175 -33.31 -10.92 19.36
CA LEU A 175 -31.88 -10.81 19.68
C LEU A 175 -30.99 -11.29 18.50
N LYS A 176 -31.32 -12.50 17.94
CA LYS A 176 -30.64 -13.13 16.79
C LYS A 176 -30.62 -12.12 15.64
N LEU A 177 -31.78 -11.47 15.36
CA LEU A 177 -31.96 -10.50 14.25
C LEU A 177 -31.23 -9.17 14.41
N VAL A 178 -31.16 -8.71 15.66
CA VAL A 178 -30.49 -7.49 16.10
C VAL A 178 -29.01 -7.73 15.89
N LEU A 179 -28.50 -8.87 16.43
CA LEU A 179 -27.11 -9.37 16.31
C LEU A 179 -26.59 -9.38 14.84
N LYS A 180 -27.40 -9.88 13.87
CA LYS A 180 -27.07 -9.91 12.45
C LYS A 180 -26.94 -8.49 11.96
N GLY A 181 -27.90 -7.65 12.34
CA GLY A 181 -27.92 -6.24 11.96
C GLY A 181 -26.60 -5.59 12.28
N GLN A 182 -26.29 -5.58 13.57
CA GLN A 182 -25.09 -5.01 14.15
C GLN A 182 -23.78 -5.60 13.61
N ILE A 183 -23.74 -6.91 13.38
CA ILE A 183 -22.52 -7.57 12.88
C ILE A 183 -22.25 -7.23 11.39
N CYS A 184 -23.29 -7.35 10.55
CA CYS A 184 -23.18 -7.06 9.13
C CYS A 184 -23.00 -5.58 8.83
N LYS A 185 -23.44 -4.70 9.76
CA LYS A 185 -23.22 -3.25 9.64
C LYS A 185 -21.72 -3.03 9.90
N GLU A 186 -21.23 -3.34 11.13
CA GLU A 186 -19.82 -3.18 11.48
C GLU A 186 -18.80 -3.89 10.55
N ILE A 187 -19.22 -5.01 9.88
CA ILE A 187 -18.35 -5.69 8.89
C ILE A 187 -18.23 -4.69 7.75
N ASN A 188 -19.40 -4.27 7.17
CA ASN A 188 -19.49 -3.30 6.08
C ASN A 188 -18.65 -2.02 6.30
N VAL A 189 -18.60 -1.50 7.56
CA VAL A 189 -17.81 -0.32 7.90
C VAL A 189 -16.32 -0.59 7.91
N ILE A 190 -15.88 -1.61 8.69
CA ILE A 190 -14.47 -2.03 8.81
C ILE A 190 -13.97 -2.41 7.44
N SER A 191 -14.84 -3.03 6.60
CA SER A 191 -14.51 -3.41 5.23
C SER A 191 -14.13 -2.10 4.50
N ASN A 192 -15.00 -1.05 4.54
CA ASN A 192 -14.73 0.24 3.90
C ASN A 192 -13.49 0.94 4.43
N ILE A 193 -13.35 0.99 5.76
CA ILE A 193 -12.22 1.57 6.46
C ILE A 193 -10.90 1.02 5.91
N MET A 194 -10.79 -0.31 5.69
CA MET A 194 -9.62 -0.96 5.12
C MET A 194 -9.37 -0.40 3.72
N ALA A 195 -10.34 -0.58 2.81
CA ALA A 195 -10.32 -0.10 1.43
C ALA A 195 -9.90 1.36 1.33
N ASP A 196 -10.55 2.29 2.09
CA ASP A 196 -10.14 3.69 2.04
C ASP A 196 -8.71 3.81 2.52
N PHE A 197 -8.40 3.25 3.69
CA PHE A 197 -7.05 3.33 4.23
C PHE A 197 -5.99 2.79 3.25
N VAL A 198 -6.23 1.58 2.71
CA VAL A 198 -5.31 0.91 1.78
C VAL A 198 -5.01 1.81 0.62
N GLN A 199 -6.07 2.35 0.00
CA GLN A 199 -5.94 3.29 -1.11
C GLN A 199 -5.13 4.53 -0.65
N THR A 200 -5.59 5.25 0.41
CA THR A 200 -4.92 6.43 0.97
C THR A 200 -3.40 6.20 1.23
N ARG A 201 -3.04 5.06 1.90
CA ARG A 201 -1.64 4.68 2.18
C ARG A 201 -0.87 4.35 0.87
N ALA A 202 -1.57 3.90 -0.17
CA ALA A 202 -0.96 3.61 -1.45
C ALA A 202 -0.64 4.89 -2.20
N ALA A 203 -1.48 5.92 -2.06
CA ALA A 203 -1.21 7.18 -2.70
C ALA A 203 -0.10 7.84 -1.93
N SER A 204 -0.09 7.67 -0.59
CA SER A 204 0.97 8.18 0.29
C SER A 204 2.36 7.60 -0.10
N ILE A 205 2.39 6.32 -0.56
CA ILE A 205 3.59 5.63 -1.04
C ILE A 205 4.04 6.33 -2.30
N LEU A 206 3.17 6.34 -3.31
CA LEU A 206 3.44 6.91 -4.62
C LEU A 206 3.53 8.45 -4.70
N SER A 207 3.82 9.13 -3.57
CA SER A 207 3.88 10.58 -3.53
C SER A 207 4.98 11.11 -2.66
N ASP A 208 5.61 12.22 -3.07
CA ASP A 208 6.67 12.91 -2.33
C ASP A 208 6.64 14.41 -2.60
N GLY A 209 6.41 15.18 -1.53
CA GLY A 209 6.35 16.64 -1.63
C GLY A 209 5.26 17.08 -2.58
N ASP A 210 5.61 17.95 -3.56
CA ASP A 210 4.66 18.46 -4.55
C ASP A 210 4.29 17.43 -5.62
N ILE A 211 5.07 16.34 -5.71
CA ILE A 211 4.85 15.25 -6.66
C ILE A 211 3.98 14.20 -6.02
N GLY A 212 3.00 13.76 -6.80
CA GLY A 212 2.04 12.73 -6.42
C GLY A 212 1.42 12.06 -7.62
N VAL A 213 0.97 10.81 -7.45
CA VAL A 213 0.33 10.05 -8.53
C VAL A 213 -1.22 10.11 -8.41
N ASP A 214 -1.96 9.93 -9.52
CA ASP A 214 -3.43 9.87 -9.45
C ASP A 214 -3.86 8.40 -9.60
N ILE A 215 -4.23 7.76 -8.46
CA ILE A 215 -4.65 6.35 -8.43
C ILE A 215 -6.15 6.14 -8.60
N SER A 216 -6.85 7.17 -9.08
CA SER A 216 -8.28 7.13 -9.37
C SER A 216 -8.59 5.86 -10.20
N LEU A 217 -9.58 5.05 -9.77
CA LEU A 217 -9.96 3.86 -10.53
C LEU A 217 -10.57 4.27 -11.86
N THR A 218 -10.13 3.62 -12.92
CA THR A 218 -10.64 3.86 -14.28
C THR A 218 -11.91 3.01 -14.53
N GLY A 219 -12.40 2.39 -13.46
CA GLY A 219 -13.57 1.51 -13.44
C GLY A 219 -13.50 0.42 -12.40
N ASP A 220 -14.72 -0.02 -11.92
CA ASP A 220 -14.97 -1.08 -10.92
C ASP A 220 -13.93 -2.21 -11.01
N PRO A 221 -13.39 -2.72 -9.86
CA PRO A 221 -12.37 -3.78 -9.94
C PRO A 221 -12.91 -5.06 -10.55
N VAL A 222 -12.02 -5.89 -11.08
CA VAL A 222 -12.46 -7.12 -11.74
C VAL A 222 -12.33 -8.32 -10.85
N ILE A 223 -13.41 -9.10 -10.73
CA ILE A 223 -13.33 -10.34 -10.00
C ILE A 223 -13.47 -11.51 -10.96
N THR A 224 -12.49 -12.42 -10.90
CA THR A 224 -12.43 -13.68 -11.62
C THR A 224 -12.28 -14.74 -10.55
N ALA A 225 -12.11 -16.01 -10.94
CA ALA A 225 -11.95 -17.10 -9.96
C ALA A 225 -10.51 -17.22 -9.41
N SER A 226 -9.52 -16.66 -10.16
CA SER A 226 -8.10 -16.71 -9.84
C SER A 226 -7.51 -15.42 -9.28
N TYR A 227 -8.23 -14.29 -9.48
CA TYR A 227 -7.77 -12.98 -9.04
C TYR A 227 -8.84 -11.93 -8.94
N LEU A 228 -8.42 -10.82 -8.36
CA LEU A 228 -9.14 -9.59 -8.15
C LEU A 228 -8.15 -8.54 -8.70
N GLU A 229 -8.61 -7.61 -9.57
CA GLU A 229 -7.73 -6.64 -10.23
C GLU A 229 -8.30 -5.21 -10.37
N SER A 230 -7.56 -4.16 -9.91
CA SER A 230 -7.99 -2.77 -10.03
C SER A 230 -7.17 -2.04 -11.08
N HIS A 231 -7.82 -1.09 -11.80
CA HIS A 231 -7.16 -0.32 -12.86
C HIS A 231 -7.22 1.16 -12.58
N HIS A 232 -6.05 1.81 -12.53
CA HIS A 232 -5.85 3.22 -12.16
C HIS A 232 -5.20 4.08 -13.25
N LYS A 233 -5.44 5.42 -13.20
CA LYS A 233 -4.98 6.44 -14.13
C LYS A 233 -3.47 6.53 -14.21
N GLY A 234 -2.82 6.70 -13.05
CA GLY A 234 -1.37 6.81 -12.95
C GLY A 234 -0.82 8.10 -13.53
N HIS A 235 -1.61 9.19 -13.45
CA HIS A 235 -1.18 10.52 -13.91
C HIS A 235 -0.40 11.15 -12.76
N PHE A 236 0.75 11.78 -13.05
CA PHE A 236 1.48 12.47 -11.98
C PHE A 236 0.97 13.90 -11.78
N ILE A 237 0.68 14.24 -10.53
CA ILE A 237 0.20 15.55 -10.08
C ILE A 237 1.42 16.39 -9.69
N TYR A 238 1.55 17.61 -10.19
CA TYR A 238 2.62 18.46 -9.71
C TYR A 238 2.01 19.72 -9.22
N LYS A 239 2.19 19.96 -7.91
CA LYS A 239 1.66 21.14 -7.25
C LYS A 239 0.13 21.23 -7.47
N ASP A 240 -0.59 20.13 -7.15
CA ASP A 240 -2.06 20.01 -7.28
C ASP A 240 -2.62 20.21 -8.72
N VAL A 241 -1.76 20.03 -9.74
CA VAL A 241 -2.18 20.12 -11.14
C VAL A 241 -1.91 18.82 -11.89
N SER A 242 -2.95 18.32 -12.59
CA SER A 242 -2.94 17.09 -13.39
C SER A 242 -3.55 17.35 -14.78
N GLU A 243 -3.10 16.61 -15.81
CA GLU A 243 -3.66 16.69 -17.16
C GLU A 243 -4.29 15.33 -17.46
N ASP A 244 -5.63 15.28 -17.61
CA ASP A 244 -6.34 14.03 -17.89
C ASP A 244 -6.13 13.67 -19.35
N LEU A 245 -5.03 12.96 -19.62
CA LEU A 245 -4.63 12.60 -20.99
C LEU A 245 -5.04 11.18 -21.37
N PRO A 246 -5.25 10.88 -22.69
CA PRO A 246 -5.66 9.52 -23.08
C PRO A 246 -4.82 8.41 -22.44
N LEU A 247 -5.54 7.42 -21.85
CA LEU A 247 -4.96 6.28 -21.12
C LEU A 247 -4.44 5.12 -21.99
N PRO A 248 -3.30 4.48 -21.60
CA PRO A 248 -2.78 3.34 -22.39
C PRO A 248 -3.70 2.13 -22.38
N THR A 249 -3.45 1.15 -23.25
CA THR A 249 -4.31 -0.02 -23.24
C THR A 249 -3.66 -1.17 -22.52
N PHE A 250 -4.44 -1.79 -21.63
CA PHE A 250 -3.98 -2.90 -20.81
C PHE A 250 -4.62 -4.26 -21.15
N SER A 251 -3.77 -5.33 -21.31
CA SER A 251 -4.24 -6.71 -21.53
C SER A 251 -4.04 -7.63 -20.30
N PRO A 252 -5.11 -8.31 -19.86
CA PRO A 252 -5.01 -9.17 -18.67
C PRO A 252 -4.44 -10.58 -18.91
N THR A 253 -3.68 -10.71 -19.98
CA THR A 253 -2.99 -11.91 -20.44
C THR A 253 -1.48 -11.72 -20.15
N LEU A 254 -1.05 -10.44 -20.10
CA LEU A 254 0.29 -9.92 -19.78
C LEU A 254 0.60 -10.22 -18.30
N LEU A 255 -0.44 -10.59 -17.51
CA LEU A 255 -0.34 -10.87 -16.08
C LEU A 255 -0.76 -12.31 -15.78
N GLY A 256 -0.04 -12.93 -14.85
CA GLY A 256 -0.28 -14.31 -14.45
C GLY A 256 -1.16 -14.40 -13.23
N ASP A 257 -1.28 -15.60 -12.68
CA ASP A 257 -2.04 -15.79 -11.47
C ASP A 257 -1.28 -16.58 -10.41
N SER A 258 0.00 -16.90 -10.70
CA SER A 258 0.85 -17.66 -9.78
C SER A 258 1.30 -16.83 -8.56
N ARG A 259 1.89 -15.65 -8.83
CA ARG A 259 2.38 -14.76 -7.79
C ARG A 259 1.24 -14.10 -7.00
N MET A 260 1.51 -13.65 -5.80
CA MET A 260 0.50 -13.03 -4.94
C MET A 260 0.04 -11.65 -5.42
N LEU A 261 1.01 -10.87 -5.91
CA LEU A 261 0.84 -9.49 -6.33
C LEU A 261 1.50 -9.23 -7.66
N TYR A 262 0.76 -8.56 -8.54
CA TYR A 262 1.23 -8.16 -9.86
C TYR A 262 0.99 -6.68 -10.05
N PHE A 263 1.97 -6.02 -10.62
CA PHE A 263 1.85 -4.60 -10.89
C PHE A 263 2.26 -4.34 -12.29
N TRP A 264 1.39 -3.66 -13.01
CA TRP A 264 1.64 -3.31 -14.40
C TRP A 264 1.70 -1.79 -14.48
N PHE A 265 2.77 -1.27 -15.10
CA PHE A 265 2.92 0.17 -15.27
C PHE A 265 3.24 0.49 -16.72
N SER A 266 2.51 1.45 -17.33
CA SER A 266 2.78 1.90 -18.70
C SER A 266 4.07 2.70 -18.65
N GLU A 267 4.78 2.81 -19.79
CA GLU A 267 5.97 3.63 -19.77
C GLU A 267 5.59 5.12 -19.53
N ARG A 268 4.31 5.47 -19.85
CA ARG A 268 3.74 6.82 -19.70
C ARG A 268 3.75 7.35 -18.26
N VAL A 269 3.80 6.42 -17.30
CA VAL A 269 3.86 6.68 -15.87
C VAL A 269 5.27 7.17 -15.53
N PHE A 270 6.31 6.51 -16.09
CA PHE A 270 7.73 6.90 -15.92
C PHE A 270 7.95 8.21 -16.64
N HIS A 271 7.17 8.46 -17.70
CA HIS A 271 7.28 9.69 -18.44
C HIS A 271 6.71 10.88 -17.73
N SER A 272 5.61 10.67 -17.02
CA SER A 272 4.99 11.72 -16.21
C SER A 272 5.96 12.03 -15.08
N LEU A 273 6.60 10.97 -14.51
CA LEU A 273 7.59 11.04 -13.43
C LEU A 273 8.75 11.94 -13.85
N ALA A 274 9.35 11.68 -15.03
CA ALA A 274 10.45 12.48 -15.59
C ALA A 274 10.05 13.97 -15.71
N LYS A 275 8.83 14.24 -16.25
CA LYS A 275 8.23 15.56 -16.43
C LYS A 275 8.22 16.33 -15.09
N VAL A 276 7.48 15.77 -14.08
CA VAL A 276 7.34 16.35 -12.75
C VAL A 276 8.66 16.48 -12.04
N ALA A 277 9.45 15.37 -11.93
CA ALA A 277 10.76 15.32 -11.26
C ALA A 277 11.67 16.37 -11.82
N PHE A 278 11.76 16.44 -13.17
CA PHE A 278 12.57 17.44 -13.87
C PHE A 278 12.12 18.85 -13.52
N GLN A 279 10.82 19.14 -13.72
CA GLN A 279 10.28 20.48 -13.49
C GLN A 279 10.39 20.95 -12.05
N ASP A 280 10.45 20.02 -11.09
CA ASP A 280 10.58 20.38 -9.69
C ASP A 280 11.99 20.82 -9.33
N GLY A 281 12.94 20.61 -10.24
CA GLY A 281 14.35 20.96 -10.05
C GLY A 281 15.12 19.90 -9.31
N ARG A 282 14.56 18.69 -9.27
CA ARG A 282 15.14 17.51 -8.61
C ARG A 282 16.34 16.93 -9.38
N LEU A 283 16.37 17.11 -10.72
CA LEU A 283 17.42 16.52 -11.55
C LEU A 283 18.67 17.34 -11.72
N MET A 284 19.46 17.38 -10.64
CA MET A 284 20.75 18.04 -10.49
C MET A 284 21.58 17.51 -9.33
N LEU A 285 22.91 17.65 -9.45
CA LEU A 285 23.90 17.18 -8.49
C LEU A 285 25.05 18.15 -8.45
N SER A 286 25.54 18.45 -7.25
CA SER A 286 26.71 19.29 -7.13
C SER A 286 27.70 18.67 -6.16
N LEU A 287 28.98 18.61 -6.58
CA LEU A 287 30.06 18.08 -5.74
C LEU A 287 31.12 19.12 -5.58
N MET A 288 31.65 19.22 -4.35
CA MET A 288 32.71 20.17 -3.98
C MET A 288 33.84 19.40 -3.27
N GLY A 289 35.06 19.88 -3.46
CA GLY A 289 36.30 19.36 -2.88
C GLY A 289 36.29 17.94 -2.31
N ASP A 290 36.35 17.84 -0.97
CA ASP A 290 36.36 16.60 -0.18
C ASP A 290 35.36 15.55 -0.65
N GLU A 291 34.11 15.98 -0.98
CA GLU A 291 33.04 15.12 -1.46
C GLU A 291 33.37 14.53 -2.82
N PHE A 292 33.86 15.38 -3.75
CA PHE A 292 34.29 15.03 -5.10
C PHE A 292 35.47 14.06 -5.02
N LYS A 293 36.43 14.33 -4.09
CA LYS A 293 37.61 13.50 -3.79
C LYS A 293 37.11 12.12 -3.38
N ALA A 294 36.19 12.07 -2.39
CA ALA A 294 35.58 10.84 -1.88
C ALA A 294 34.93 10.02 -3.01
N VAL A 295 34.13 10.66 -3.89
CA VAL A 295 33.40 10.05 -5.02
C VAL A 295 34.34 9.28 -5.98
N LEU A 296 35.51 9.84 -6.26
CA LEU A 296 36.50 9.17 -7.10
C LEU A 296 37.07 7.95 -6.38
N GLU A 297 37.39 8.09 -5.07
CA GLU A 297 37.89 7.03 -4.17
C GLU A 297 36.84 5.93 -4.00
N THR A 298 35.55 6.35 -3.94
CA THR A 298 34.39 5.47 -3.83
C THR A 298 34.39 4.56 -5.05
N TRP A 299 34.71 5.12 -6.23
CA TRP A 299 34.79 4.32 -7.45
C TRP A 299 36.19 3.79 -7.73
N GLY A 300 36.89 3.54 -6.61
CA GLY A 300 38.23 2.96 -6.53
C GLY A 300 39.31 3.68 -7.31
N PHE A 301 39.79 4.83 -6.78
CA PHE A 301 40.87 5.65 -7.37
C PHE A 301 41.60 6.45 -6.29
N ASN A 302 42.94 6.52 -6.36
CA ASN A 302 43.71 7.28 -5.37
C ASN A 302 44.03 8.68 -5.91
N THR A 303 43.40 9.71 -5.30
CA THR A 303 43.52 11.15 -5.64
C THR A 303 44.95 11.67 -5.84
N ASN A 304 45.93 10.96 -5.29
CA ASN A 304 47.32 11.33 -5.45
C ASN A 304 48.06 10.55 -6.56
N GLN A 305 47.32 10.06 -7.59
CA GLN A 305 47.96 9.37 -8.72
C GLN A 305 48.46 10.46 -9.69
N GLU A 306 49.49 10.14 -10.53
CA GLU A 306 50.09 11.08 -11.50
C GLU A 306 49.05 11.73 -12.43
N ILE A 307 47.98 10.97 -12.77
CA ILE A 307 46.86 11.42 -13.63
C ILE A 307 45.99 12.50 -12.98
N PHE A 308 45.52 12.22 -11.75
CA PHE A 308 44.65 13.08 -10.92
C PHE A 308 45.37 14.37 -10.48
N GLN A 309 46.64 14.51 -10.90
CA GLN A 309 47.47 15.64 -10.55
C GLN A 309 47.18 16.92 -11.32
N GLU A 310 47.64 17.02 -12.58
CA GLU A 310 47.47 18.22 -13.43
C GLU A 310 46.02 18.70 -13.57
N VAL A 311 45.07 17.95 -13.01
CA VAL A 311 43.65 18.24 -13.11
C VAL A 311 43.03 19.02 -11.95
N VAL A 312 43.07 18.47 -10.70
CA VAL A 312 42.44 19.02 -9.46
C VAL A 312 42.67 20.54 -9.03
N GLY A 313 43.86 21.15 -9.16
CA GLY A 313 45.12 20.59 -9.61
C GLY A 313 46.03 20.42 -8.42
N GLY A 314 46.27 21.53 -7.75
CA GLY A 314 47.07 21.56 -6.54
C GLY A 314 46.19 21.82 -5.32
N PHE A 315 45.04 22.47 -5.57
CA PHE A 315 44.07 22.84 -4.54
C PHE A 315 42.72 22.17 -4.85
N PRO A 316 42.59 20.88 -4.46
CA PRO A 316 41.37 20.12 -4.79
C PRO A 316 40.14 20.46 -3.96
N SER A 317 40.36 21.04 -2.76
CA SER A 317 39.32 21.44 -1.79
C SER A 317 38.29 22.42 -2.39
N GLN A 318 38.71 23.16 -3.43
CA GLN A 318 37.93 24.19 -4.12
C GLN A 318 37.45 23.73 -5.51
N ALA A 319 37.88 22.54 -5.97
CA ALA A 319 37.46 21.96 -7.25
C ALA A 319 35.98 21.53 -7.15
N GLN A 320 35.12 22.08 -8.06
CA GLN A 320 33.66 21.85 -8.07
C GLN A 320 33.17 21.20 -9.35
N VAL A 321 32.01 20.51 -9.27
CA VAL A 321 31.35 19.91 -10.42
C VAL A 321 29.81 20.01 -10.27
N THR A 322 29.06 20.24 -11.40
CA THR A 322 27.59 20.35 -11.42
C THR A 322 26.99 19.68 -12.63
N VAL A 323 26.08 18.76 -12.38
CA VAL A 323 25.36 18.02 -13.43
C VAL A 323 23.91 18.34 -13.32
N HIS A 324 23.30 18.78 -14.43
CA HIS A 324 21.86 19.05 -14.47
C HIS A 324 21.25 18.76 -15.81
N CYS A 325 19.96 18.40 -15.80
CA CYS A 325 19.20 18.14 -17.01
C CYS A 325 18.88 19.45 -17.68
N LEU A 326 19.08 19.50 -18.99
CA LEU A 326 18.75 20.68 -19.77
C LEU A 326 17.32 20.52 -20.26
N LYS A 327 16.90 19.27 -20.40
CA LYS A 327 15.55 18.93 -20.81
C LYS A 327 15.06 17.71 -20.04
N MET A 328 13.74 17.54 -20.04
CA MET A 328 13.01 16.44 -19.46
C MET A 328 13.58 15.11 -19.99
N PRO A 329 14.00 14.12 -19.14
CA PRO A 329 14.59 12.88 -19.68
C PRO A 329 13.56 11.98 -20.36
N LYS A 330 13.97 11.29 -21.45
CA LYS A 330 13.07 10.40 -22.19
C LYS A 330 13.19 8.94 -21.73
N ILE A 331 12.32 8.56 -20.79
CA ILE A 331 12.26 7.21 -20.21
C ILE A 331 11.37 6.32 -21.07
N SER A 332 11.94 5.18 -21.49
CA SER A 332 11.30 4.18 -22.32
C SER A 332 11.51 2.77 -21.80
N CYS A 333 10.44 1.98 -21.88
CA CYS A 333 10.41 0.59 -21.48
C CYS A 333 10.63 -0.24 -22.72
N GLN A 334 11.60 -1.14 -22.64
CA GLN A 334 11.93 -2.10 -23.69
C GLN A 334 12.14 -3.45 -22.99
N ASN A 335 12.21 -4.57 -23.74
CA ASN A 335 12.42 -5.90 -23.15
C ASN A 335 13.79 -6.02 -22.48
N LYS A 336 14.79 -5.31 -23.06
CA LYS A 336 16.19 -5.24 -22.66
C LYS A 336 16.46 -4.49 -21.36
N GLY A 337 15.42 -3.86 -20.83
CA GLY A 337 15.48 -3.06 -19.62
C GLY A 337 14.85 -1.71 -19.79
N VAL A 338 15.14 -0.80 -18.85
CA VAL A 338 14.65 0.59 -18.85
C VAL A 338 15.70 1.45 -19.52
N VAL A 339 15.29 2.22 -20.54
CA VAL A 339 16.21 3.11 -21.24
C VAL A 339 15.90 4.60 -20.99
N VAL A 340 16.89 5.31 -20.45
CA VAL A 340 16.82 6.72 -20.08
C VAL A 340 17.71 7.59 -21.03
N ASP A 341 17.04 8.41 -21.86
CA ASP A 341 17.68 9.37 -22.78
C ASP A 341 17.63 10.72 -22.07
N SER A 342 18.78 11.14 -21.55
CA SER A 342 18.88 12.36 -20.78
C SER A 342 19.87 13.33 -21.41
N SER A 343 19.49 14.61 -21.48
CA SER A 343 20.37 15.63 -22.02
C SER A 343 20.92 16.45 -20.85
N VAL A 344 22.17 16.17 -20.47
CA VAL A 344 22.87 16.77 -19.34
C VAL A 344 23.82 17.91 -19.64
N MET A 345 24.20 18.61 -18.59
CA MET A 345 25.14 19.68 -18.63
C MET A 345 26.08 19.45 -17.45
N VAL A 346 27.29 18.96 -17.73
CA VAL A 346 28.28 18.74 -16.69
C VAL A 346 29.24 19.91 -16.76
N LYS A 347 29.31 20.70 -15.67
CA LYS A 347 30.19 21.85 -15.61
C LYS A 347 31.32 21.50 -14.65
N PHE A 348 32.57 21.62 -15.12
CA PHE A 348 33.78 21.33 -14.35
C PHE A 348 34.51 22.62 -14.05
N LEU A 349 34.88 22.84 -12.77
CA LEU A 349 35.66 24.01 -12.36
C LEU A 349 36.74 23.65 -11.35
N PHE A 350 38.00 23.73 -11.79
CA PHE A 350 39.17 23.42 -10.99
C PHE A 350 39.96 24.72 -10.79
N PRO A 351 39.86 25.36 -9.60
CA PRO A 351 40.56 26.63 -9.41
C PRO A 351 42.04 26.50 -9.09
N ARG A 352 42.81 27.41 -9.69
CA ARG A 352 44.26 27.57 -9.54
C ARG A 352 44.47 28.94 -8.84
N PRO A 353 45.71 29.40 -8.48
CA PRO A 353 45.86 30.73 -7.84
C PRO A 353 45.19 31.87 -8.63
N ASP A 354 45.67 32.08 -9.88
CA ASP A 354 45.19 33.05 -10.87
C ASP A 354 44.00 32.40 -11.62
N GLN A 355 42.95 33.18 -11.91
CA GLN A 355 41.74 32.70 -12.61
C GLN A 355 41.95 32.39 -14.12
N GLN A 356 43.18 32.65 -14.62
CA GLN A 356 43.69 32.42 -15.98
C GLN A 356 44.06 30.92 -16.17
N HIS A 357 44.73 30.32 -15.15
CA HIS A 357 45.19 28.93 -15.10
C HIS A 357 44.10 27.95 -14.67
N SER A 358 43.05 28.43 -13.94
CA SER A 358 41.90 27.66 -13.45
C SER A 358 41.21 26.93 -14.61
N VAL A 359 41.05 25.59 -14.50
CA VAL A 359 40.45 24.76 -15.55
C VAL A 359 38.93 24.77 -15.45
N ALA A 360 38.25 25.22 -16.50
CA ALA A 360 36.78 25.28 -16.54
C ALA A 360 36.25 24.76 -17.86
N TYR A 361 35.62 23.57 -17.82
CA TYR A 361 35.05 22.88 -18.97
C TYR A 361 33.55 22.64 -18.76
N THR A 362 32.75 22.88 -19.82
CA THR A 362 31.30 22.66 -19.83
C THR A 362 30.97 21.71 -20.95
N PHE A 363 30.56 20.50 -20.58
CA PHE A 363 30.22 19.42 -21.49
C PHE A 363 28.70 19.37 -21.64
N GLU A 364 28.20 19.78 -22.80
CA GLU A 364 26.76 19.74 -23.08
C GLU A 364 26.59 18.46 -23.88
N GLU A 365 25.90 17.46 -23.31
CA GLU A 365 25.75 16.16 -23.98
C GLU A 365 24.51 15.35 -23.67
N ASP A 366 24.28 14.33 -24.50
CA ASP A 366 23.17 13.40 -24.38
C ASP A 366 23.76 12.04 -23.95
N ILE A 367 23.27 11.52 -22.80
CA ILE A 367 23.70 10.23 -22.27
C ILE A 367 22.50 9.28 -22.23
N VAL A 368 22.58 8.21 -23.03
CA VAL A 368 21.56 7.16 -23.13
C VAL A 368 22.06 5.99 -22.29
N THR A 369 21.21 5.53 -21.35
CA THR A 369 21.56 4.44 -20.45
C THR A 369 20.46 3.41 -20.29
N THR A 370 20.76 2.13 -20.59
CA THR A 370 19.84 1.02 -20.38
C THR A 370 20.09 0.42 -18.99
N VAL A 371 19.14 0.64 -18.07
CA VAL A 371 19.18 0.27 -16.66
C VAL A 371 18.31 -0.92 -16.42
N GLN A 372 18.75 -1.82 -15.52
CA GLN A 372 18.01 -3.00 -15.06
C GLN A 372 17.80 -2.97 -13.53
N ALA A 373 16.58 -3.25 -13.07
CA ALA A 373 16.29 -3.22 -11.65
C ALA A 373 16.04 -4.58 -10.96
N SER A 374 16.34 -4.60 -9.64
CA SER A 374 16.26 -5.71 -8.71
C SER A 374 15.85 -5.21 -7.30
N TYR A 375 15.28 -6.12 -6.49
CA TYR A 375 14.98 -5.87 -5.08
C TYR A 375 15.47 -7.06 -4.31
N SER A 376 16.36 -6.79 -3.41
CA SER A 376 16.95 -7.80 -2.57
C SER A 376 17.25 -7.09 -1.30
N LYS A 377 17.33 -7.83 -0.19
CA LYS A 377 17.72 -7.34 1.14
C LYS A 377 17.22 -5.89 1.45
N LYS A 378 15.93 -5.64 1.12
CA LYS A 378 15.21 -4.38 1.29
C LYS A 378 15.93 -3.12 0.72
N LYS A 379 16.53 -3.33 -0.47
CA LYS A 379 17.24 -2.35 -1.29
C LYS A 379 16.93 -2.53 -2.78
N LEU A 380 16.84 -1.40 -3.47
CA LEU A 380 16.65 -1.31 -4.90
C LEU A 380 18.03 -1.33 -5.52
N PHE A 381 18.19 -2.17 -6.55
CA PHE A 381 19.44 -2.33 -7.26
C PHE A 381 19.33 -2.01 -8.74
N LEU A 382 19.99 -0.93 -9.15
CA LEU A 382 20.04 -0.51 -10.55
C LEU A 382 21.41 -0.91 -11.16
N SER A 383 21.38 -1.68 -12.27
CA SER A 383 22.58 -2.18 -12.96
C SER A 383 22.62 -1.75 -14.42
N LEU A 384 23.77 -1.15 -14.88
CA LEU A 384 23.93 -0.69 -16.26
C LEU A 384 24.12 -1.79 -17.26
N LEU A 385 23.12 -1.95 -18.13
CA LEU A 385 23.11 -3.00 -19.14
C LEU A 385 23.91 -2.56 -20.40
N ASP A 386 23.65 -1.33 -20.87
CA ASP A 386 24.22 -0.70 -22.06
C ASP A 386 24.09 0.81 -21.87
N PHE A 387 24.97 1.59 -22.53
CA PHE A 387 24.99 3.06 -22.53
C PHE A 387 25.60 3.65 -23.83
N GLN A 388 25.52 4.99 -24.01
CA GLN A 388 26.13 5.71 -25.14
C GLN A 388 26.22 7.21 -24.93
N ILE A 389 27.45 7.77 -25.06
CA ILE A 389 27.65 9.21 -24.91
C ILE A 389 27.89 9.86 -26.27
N THR A 390 27.04 10.85 -26.59
CA THR A 390 27.09 11.65 -27.79
C THR A 390 27.28 13.12 -27.34
N PRO A 391 28.55 13.64 -27.26
CA PRO A 391 28.73 15.05 -26.87
C PRO A 391 28.14 16.01 -27.93
N LYS A 392 27.54 17.15 -27.50
CA LYS A 392 26.94 18.13 -28.42
C LYS A 392 27.82 19.38 -28.60
N THR A 393 28.14 20.02 -27.46
CA THR A 393 28.96 21.23 -27.40
C THR A 393 29.85 21.19 -26.13
N VAL A 394 31.10 20.76 -26.29
CA VAL A 394 32.08 20.69 -25.20
C VAL A 394 33.01 21.93 -25.21
N SER A 395 32.65 22.92 -24.39
CA SER A 395 33.34 24.20 -24.32
C SER A 395 34.31 24.31 -23.17
N ASN A 396 35.45 24.97 -23.44
CA ASN A 396 36.49 25.28 -22.46
C ASN A 396 36.41 26.78 -22.14
N LEU A 397 36.54 27.15 -20.85
CA LEU A 397 36.38 28.53 -20.40
C LEU A 397 37.63 29.35 -20.03
N THR A 398 38.84 28.77 -20.27
CA THR A 398 40.15 29.43 -20.07
C THR A 398 41.09 28.97 -21.17
N GLU A 399 42.32 29.52 -21.14
CA GLU A 399 43.38 29.16 -22.08
C GLU A 399 43.95 27.78 -21.70
N SER A 400 43.75 27.36 -20.41
CA SER A 400 44.18 26.05 -19.89
C SER A 400 43.15 25.02 -20.38
N SER A 401 43.32 24.65 -21.66
CA SER A 401 42.46 23.74 -22.42
C SER A 401 43.30 22.88 -23.40
N SER A 402 43.04 21.56 -23.37
CA SER A 402 43.70 20.56 -24.23
C SER A 402 42.73 19.40 -24.50
N GLU A 403 43.10 18.51 -25.45
CA GLU A 403 42.29 17.35 -25.84
C GLU A 403 42.47 16.17 -24.87
N SER A 404 43.62 16.12 -24.16
CA SER A 404 43.94 15.12 -23.13
C SER A 404 43.07 15.38 -21.91
N ILE A 405 42.94 16.69 -21.53
CA ILE A 405 42.11 17.21 -20.44
C ILE A 405 40.65 16.88 -20.77
N GLN A 406 40.21 17.29 -21.99
CA GLN A 406 38.87 17.12 -22.55
C GLN A 406 38.47 15.67 -22.52
N SER A 407 39.38 14.77 -22.92
CA SER A 407 39.15 13.32 -22.90
C SER A 407 39.07 12.83 -21.44
N PHE A 408 40.04 13.25 -20.59
CA PHE A 408 40.07 12.89 -19.18
C PHE A 408 38.74 13.16 -18.45
N LEU A 409 38.23 14.39 -18.61
CA LEU A 409 36.99 14.86 -18.02
C LEU A 409 35.81 14.07 -18.59
N GLN A 410 35.77 13.89 -19.95
CA GLN A 410 34.72 13.14 -20.67
C GLN A 410 34.58 11.73 -20.09
N SER A 411 35.73 11.11 -19.79
CA SER A 411 35.87 9.78 -19.22
C SER A 411 35.40 9.74 -17.77
N MET A 412 35.73 10.78 -16.98
CA MET A 412 35.33 10.89 -15.59
C MET A 412 33.82 10.84 -15.51
N ILE A 413 33.14 11.48 -16.49
CA ILE A 413 31.68 11.48 -16.62
C ILE A 413 31.22 10.04 -16.89
N THR A 414 31.95 9.31 -17.74
CA THR A 414 31.60 7.95 -18.11
C THR A 414 31.91 6.93 -17.00
N ALA A 415 33.20 6.84 -16.64
CA ALA A 415 33.75 5.91 -15.65
C ALA A 415 33.16 6.04 -14.26
N VAL A 416 33.03 7.28 -13.73
CA VAL A 416 32.54 7.62 -12.38
C VAL A 416 31.16 8.24 -12.40
N GLY A 417 30.96 9.17 -13.35
CA GLY A 417 29.75 9.95 -13.52
C GLY A 417 28.46 9.17 -13.49
N ILE A 418 28.22 8.36 -14.55
CA ILE A 418 27.08 7.44 -14.68
C ILE A 418 26.95 6.51 -13.43
N PRO A 419 28.00 5.75 -13.03
CA PRO A 419 27.86 4.84 -11.87
C PRO A 419 27.44 5.48 -10.56
N GLU A 420 27.97 6.70 -10.28
CA GLU A 420 27.66 7.46 -9.06
C GLU A 420 26.22 7.90 -9.10
N VAL A 421 25.75 8.48 -10.24
CA VAL A 421 24.37 8.94 -10.42
C VAL A 421 23.40 7.78 -10.29
N MET A 422 23.74 6.64 -10.93
CA MET A 422 22.98 5.38 -10.85
C MET A 422 22.88 4.93 -9.38
N SER A 423 24.02 4.98 -8.63
CA SER A 423 24.03 4.64 -7.21
C SER A 423 23.11 5.57 -6.43
N ARG A 424 23.32 6.89 -6.57
CA ARG A 424 22.55 7.93 -5.89
C ARG A 424 21.04 7.74 -6.06
N LEU A 425 20.63 7.27 -7.25
CA LEU A 425 19.24 6.98 -7.59
C LEU A 425 18.71 5.81 -6.78
N GLU A 426 19.50 4.72 -6.66
CA GLU A 426 19.06 3.54 -5.91
C GLU A 426 18.99 3.85 -4.43
N VAL A 427 19.89 4.77 -3.97
CA VAL A 427 19.98 5.30 -2.60
C VAL A 427 18.67 6.06 -2.36
N VAL A 428 18.39 7.11 -3.19
CA VAL A 428 17.22 7.98 -3.20
C VAL A 428 15.87 7.25 -3.30
N PHE A 429 15.80 6.17 -4.08
CA PHE A 429 14.56 5.40 -4.23
C PHE A 429 14.31 4.50 -3.05
N THR A 430 15.34 3.71 -2.60
CA THR A 430 15.27 2.79 -1.44
C THR A 430 14.83 3.59 -0.21
N ALA A 431 15.39 4.81 -0.06
CA ALA A 431 15.11 5.79 0.98
C ALA A 431 13.62 6.00 1.14
N LEU A 432 12.94 6.30 0.01
CA LEU A 432 11.51 6.54 -0.05
C LEU A 432 10.71 5.33 0.38
N MET A 433 11.01 4.16 -0.21
CA MET A 433 10.40 2.86 0.08
C MET A 433 10.35 2.66 1.60
N ASN A 434 11.52 2.83 2.25
CA ASN A 434 11.66 2.74 3.70
C ASN A 434 10.78 3.81 4.38
N SER A 435 10.94 5.09 3.94
CA SER A 435 10.21 6.28 4.41
C SER A 435 8.68 6.19 4.23
N LYS A 436 8.20 5.20 3.49
CA LYS A 436 6.77 5.00 3.34
C LYS A 436 6.35 3.60 3.80
N GLY A 437 7.28 2.94 4.51
CA GLY A 437 7.13 1.63 5.14
C GLY A 437 7.02 0.42 4.24
N VAL A 438 7.73 0.43 3.09
CA VAL A 438 7.74 -0.69 2.13
C VAL A 438 8.60 -1.78 2.77
N SER A 439 9.64 -1.34 3.46
CA SER A 439 10.59 -2.14 4.20
C SER A 439 9.93 -2.89 5.39
N LEU A 440 8.60 -2.69 5.61
CA LEU A 440 7.88 -3.36 6.70
C LEU A 440 7.26 -4.68 6.32
N PHE A 441 6.93 -4.88 5.03
CA PHE A 441 6.34 -6.14 4.57
C PHE A 441 7.46 -7.02 4.10
N ASP A 442 7.28 -8.35 4.23
CA ASP A 442 8.23 -9.40 3.83
C ASP A 442 8.04 -9.65 2.33
N ILE A 443 8.82 -8.92 1.49
CA ILE A 443 8.66 -9.06 0.06
C ILE A 443 9.48 -10.23 -0.45
N ILE A 444 8.80 -11.39 -0.61
CA ILE A 444 9.31 -12.70 -1.04
C ILE A 444 9.56 -12.71 -2.54
N ASN A 445 10.81 -13.03 -2.92
CA ASN A 445 11.32 -13.13 -4.29
C ASN A 445 10.62 -12.19 -5.33
N PRO A 446 10.84 -10.85 -5.27
CA PRO A 446 10.23 -9.99 -6.29
C PRO A 446 11.02 -10.04 -7.61
N GLU A 447 10.30 -9.89 -8.74
CA GLU A 447 10.91 -9.83 -10.07
C GLU A 447 10.55 -8.48 -10.75
N ILE A 448 11.56 -7.68 -11.13
CA ILE A 448 11.25 -6.43 -11.83
C ILE A 448 11.47 -6.77 -13.26
N ILE A 449 10.39 -6.84 -14.02
CA ILE A 449 10.39 -7.21 -15.43
C ILE A 449 10.21 -5.97 -16.30
N THR A 450 10.83 -5.98 -17.48
CA THR A 450 10.76 -4.87 -18.42
C THR A 450 10.31 -5.44 -19.75
N ARG A 451 9.36 -4.77 -20.39
CA ARG A 451 8.83 -5.18 -21.68
C ARG A 451 8.68 -3.93 -22.57
N ASP A 452 8.49 -4.09 -23.90
CA ASP A 452 8.30 -2.90 -24.75
C ASP A 452 6.98 -2.24 -24.37
N GLY A 453 7.09 -1.05 -23.78
CA GLY A 453 5.94 -0.24 -23.40
C GLY A 453 5.52 -0.27 -21.95
N PHE A 454 5.97 -1.28 -21.21
CA PHE A 454 5.61 -1.42 -19.81
C PHE A 454 6.63 -2.16 -18.97
N LEU A 455 6.47 -2.03 -17.65
CA LEU A 455 7.27 -2.62 -16.60
C LEU A 455 6.33 -3.40 -15.65
N LEU A 456 6.80 -4.60 -15.19
CA LEU A 456 6.10 -5.47 -14.26
C LEU A 456 6.80 -5.65 -12.95
N LEU A 457 6.02 -5.72 -11.84
CA LEU A 457 6.46 -6.02 -10.48
C LEU A 457 5.71 -7.27 -10.09
N GLN A 458 6.42 -8.41 -10.06
CA GLN A 458 5.84 -9.69 -9.68
C GLN A 458 6.41 -10.10 -8.32
N MET A 459 5.53 -10.26 -7.32
CA MET A 459 5.96 -10.63 -5.97
C MET A 459 4.95 -11.47 -5.19
N ASP A 460 5.51 -12.21 -4.23
CA ASP A 460 4.82 -13.00 -3.23
C ASP A 460 5.14 -12.24 -1.94
N PHE A 461 4.22 -12.23 -0.98
CA PHE A 461 4.44 -11.49 0.25
C PHE A 461 4.15 -12.28 1.50
N GLY A 462 4.90 -11.92 2.54
CA GLY A 462 4.74 -12.46 3.88
C GLY A 462 4.08 -11.35 4.65
N PHE A 463 2.87 -11.61 5.15
CA PHE A 463 2.21 -10.54 5.85
C PHE A 463 2.65 -10.44 7.31
N PRO A 464 3.07 -9.24 7.79
CA PRO A 464 3.47 -9.11 9.21
C PRO A 464 2.26 -9.13 10.16
N GLU A 465 2.16 -10.23 10.97
CA GLU A 465 1.09 -10.51 11.94
C GLU A 465 0.88 -9.40 12.99
N HIS A 466 1.72 -8.35 12.93
CA HIS A 466 1.66 -7.18 13.80
C HIS A 466 0.98 -5.98 13.07
N LEU A 467 1.34 -5.73 11.77
CA LEU A 467 0.86 -4.61 10.91
C LEU A 467 -0.67 -4.37 10.83
N LEU A 468 -1.47 -5.43 11.07
CA LEU A 468 -2.93 -5.34 11.06
C LEU A 468 -3.37 -4.82 12.41
N VAL A 469 -2.98 -5.54 13.51
CA VAL A 469 -3.26 -5.22 14.95
C VAL A 469 -2.84 -3.77 15.31
N ASP A 470 -1.96 -3.17 14.45
CA ASP A 470 -1.48 -1.78 14.49
C ASP A 470 -2.62 -0.88 14.01
N PHE A 471 -3.03 -1.04 12.72
CA PHE A 471 -4.15 -0.29 12.13
C PHE A 471 -5.47 -0.56 12.89
N LEU A 472 -5.68 -1.83 13.30
CA LEU A 472 -6.85 -2.35 14.03
C LEU A 472 -7.06 -1.63 15.38
N GLN A 473 -5.97 -1.21 16.03
CA GLN A 473 -6.06 -0.50 17.29
C GLN A 473 -6.44 1.00 17.04
N SER A 474 -6.09 1.53 15.84
CA SER A 474 -6.37 2.92 15.44
C SER A 474 -7.79 3.13 14.84
N LEU A 475 -8.83 2.80 15.64
CA LEU A 475 -10.25 2.94 15.29
C LEU A 475 -11.09 3.61 16.39
N SER A 476 -10.72 3.38 17.69
CA SER A 476 -11.35 3.94 18.90
C SER A 476 -10.36 4.10 20.08
#